data_3GA6
#
_entry.id   3GA6
#
_cell.length_a   54.834
_cell.length_b   126.655
_cell.length_c   54.826
_cell.angle_alpha   90.000
_cell.angle_beta   93.140
_cell.angle_gamma   90.000
#
_symmetry.space_group_name_H-M   'P 1 21 1'
#
loop_
_entity.id
_entity.type
_entity.pdbx_description
1 polymer Exodeoxyribonuclease
2 polymer "5'-D(*GP*CP*TP*GP*CP*GP*CP*AP*GP*GP*GP*C)-3'"
3 polymer "5'-D(*GP*CP*CP*CP*TP*GP*UP*GP*CP*AP*GP*C)-3'"
4 non-polymer GLYCEROL
5 non-polymer 'SODIUM ION'
6 non-polymer 'PHOSPHATE ION'
7 water water
#
loop_
_entity_poly.entity_id
_entity_poly.type
_entity_poly.pdbx_seq_one_letter_code
_entity_poly.pdbx_strand_id
1 'polypeptide(L)'
;MAVLKIISWNVNGLRAVHRKGFLKWFMEEKPDILCLQEIKAAPEQLPRKLRHVEGYRSFFTPAERKGYSGVAMYTKVPPS
SLREGFGVERFDTEGRIQIADFDDFLLYNIYFPNGKMSEERLKYKLEFYDAFLEDVNRERDSGRNVIICGNFNTAHREID
LARPKENSNVSGFLPVERAWIDKFIENGYVDTFRMFNSDPGQYTWWSYRTRARERNVGWRLDYFFVNEEFKGKVKRSWIL
SDVMGSDHCPIGLEIELLEHHHHHH
;
A,B
2 'polydeoxyribonucleotide' (DG)(DC)(DT)(DG)(DC)(DG)(DC)(DA)(DG)(DG)(DG)(DC) F,H
3 'polydeoxyribonucleotide' (DG)(DC)(DC)(DC)(DT)(DG)(DU)(DG)(DC)(DA)(DG)(DC) G,D
#
loop_
_chem_comp.id
_chem_comp.type
_chem_comp.name
_chem_comp.formula
DA DNA linking 2'-DEOXYADENOSINE-5'-MONOPHOSPHATE 'C10 H14 N5 O6 P'
DC DNA linking 2'-DEOXYCYTIDINE-5'-MONOPHOSPHATE 'C9 H14 N3 O7 P'
DG DNA linking 2'-DEOXYGUANOSINE-5'-MONOPHOSPHATE 'C10 H14 N5 O7 P'
DT DNA linking THYMIDINE-5'-MONOPHOSPHATE 'C10 H15 N2 O8 P'
DU DNA linking 2'-DEOXYURIDINE-5'-MONOPHOSPHATE 'C9 H13 N2 O8 P'
GOL non-polymer GLYCEROL 'C3 H8 O3'
NA non-polymer 'SODIUM ION' 'Na 1'
PO4 non-polymer 'PHOSPHATE ION' 'O4 P -3'
#
# COMPACT_ATOMS: atom_id res chain seq x y z
N VAL A 3 14.49 32.32 11.35
CA VAL A 3 14.84 31.24 10.43
C VAL A 3 15.15 29.93 11.15
N LEU A 4 14.68 28.82 10.59
CA LEU A 4 14.86 27.52 11.20
C LEU A 4 15.80 26.69 10.34
N LYS A 5 16.97 26.32 10.86
CA LYS A 5 17.89 25.49 10.09
C LYS A 5 17.63 24.01 10.38
N ILE A 6 17.38 23.23 9.33
CA ILE A 6 17.25 21.78 9.46
C ILE A 6 18.40 21.10 8.70
N ILE A 7 18.98 20.06 9.29
CA ILE A 7 20.02 19.31 8.61
C ILE A 7 19.61 17.85 8.51
N SER A 8 19.89 17.23 7.36
CA SER A 8 19.59 15.82 7.15
C SER A 8 20.91 15.10 6.89
N TRP A 9 21.08 13.91 7.45
CA TRP A 9 22.33 13.16 7.25
C TRP A 9 22.20 11.65 7.38
N ASN A 10 22.45 10.95 6.28
CA ASN A 10 22.49 9.51 6.28
C ASN A 10 23.83 9.06 6.85
N VAL A 11 23.87 8.90 8.17
CA VAL A 11 25.12 8.70 8.91
C VAL A 11 25.77 7.36 8.62
N ASN A 12 24.98 6.38 8.24
CA ASN A 12 25.51 5.05 7.98
C ASN A 12 26.20 4.44 9.21
N GLY A 13 25.48 4.43 10.33
CA GLY A 13 26.01 3.95 11.59
C GLY A 13 26.24 5.11 12.53
N LEU A 14 25.30 5.32 13.45
CA LEU A 14 25.38 6.43 14.39
C LEU A 14 26.52 6.25 15.40
N ARG A 15 26.75 5.01 15.84
CA ARG A 15 27.87 4.76 16.75
C ARG A 15 29.20 5.04 16.05
N ALA A 16 29.35 4.55 14.81
CA ALA A 16 30.57 4.75 14.02
C ALA A 16 30.89 6.22 13.81
N VAL A 17 29.85 7.02 13.52
CA VAL A 17 30.04 8.44 13.28
C VAL A 17 30.38 9.20 14.56
N HIS A 18 29.98 8.62 15.70
CA HIS A 18 30.25 9.18 17.02
C HIS A 18 31.76 9.17 17.28
N ARG A 19 32.42 8.10 16.86
CA ARG A 19 33.87 7.98 16.90
C ARG A 19 34.56 9.00 15.97
N LYS A 20 33.92 9.26 14.82
CA LYS A 20 34.46 10.15 13.79
C LYS A 20 33.89 11.56 13.85
N GLY A 21 33.77 12.12 15.06
CA GLY A 21 33.50 13.54 15.25
C GLY A 21 32.06 14.02 15.16
N PHE A 22 31.10 13.11 15.32
CA PHE A 22 29.69 13.48 15.21
C PHE A 22 29.29 14.63 16.11
N LEU A 23 29.43 14.46 17.42
CA LEU A 23 28.95 15.45 18.39
C LEU A 23 29.68 16.78 18.22
N LYS A 24 30.99 16.70 17.99
CA LYS A 24 31.80 17.89 17.80
C LYS A 24 31.16 18.73 16.71
N TRP A 25 30.84 18.08 15.60
CA TRP A 25 30.15 18.73 14.48
C TRP A 25 28.73 19.18 14.86
N PHE A 26 27.98 18.32 15.55
CA PHE A 26 26.61 18.61 15.96
C PHE A 26 26.51 19.99 16.61
N MET A 27 27.29 20.19 17.67
CA MET A 27 27.32 21.48 18.36
C MET A 27 27.93 22.57 17.48
N GLU A 28 28.68 22.14 16.47
CA GLU A 28 29.36 23.02 15.53
C GLU A 28 28.39 23.63 14.51
N GLU A 29 27.48 22.81 13.98
CA GLU A 29 26.50 23.27 13.00
C GLU A 29 25.22 23.87 13.64
N LYS A 30 24.93 23.45 14.88
CA LYS A 30 23.77 23.97 15.59
C LYS A 30 22.46 23.95 14.78
N PRO A 31 22.06 22.76 14.30
CA PRO A 31 20.78 22.72 13.58
C PRO A 31 19.63 22.94 14.55
N ASP A 32 18.56 23.59 14.11
CA ASP A 32 17.36 23.58 14.92
C ASP A 32 16.81 22.14 15.00
N ILE A 33 16.81 21.45 13.88
CA ILE A 33 16.38 20.06 13.85
C ILE A 33 17.47 19.27 13.14
N LEU A 34 17.76 18.07 13.64
CA LEU A 34 18.72 17.16 13.02
C LEU A 34 18.06 15.81 12.68
N CYS A 35 17.92 15.50 11.40
CA CYS A 35 17.34 14.21 10.97
C CYS A 35 18.45 13.27 10.53
N LEU A 36 18.45 12.05 11.05
CA LEU A 36 19.48 11.07 10.71
C LEU A 36 18.85 9.82 10.13
N GLN A 37 19.44 9.29 9.05
CA GLN A 37 18.97 8.05 8.44
C GLN A 37 20.04 6.98 8.54
N GLU A 38 19.63 5.72 8.55
CA GLU A 38 20.56 4.59 8.64
C GLU A 38 21.51 4.68 9.81
N ILE A 39 20.96 4.83 11.01
CA ILE A 39 21.73 4.91 12.24
C ILE A 39 22.26 3.52 12.65
N LYS A 40 21.66 2.47 12.11
CA LYS A 40 22.11 1.10 12.38
C LYS A 40 22.25 0.79 13.87
N ALA A 41 21.29 1.26 14.66
CA ALA A 41 21.35 1.09 16.11
C ALA A 41 19.95 1.15 16.74
N ALA A 42 19.81 0.57 17.93
CA ALA A 42 18.67 0.80 18.79
C ALA A 42 19.15 1.75 19.88
N PRO A 43 18.26 2.58 20.43
CA PRO A 43 18.67 3.61 21.40
C PRO A 43 19.40 3.00 22.61
N GLU A 44 18.99 1.80 23.00
CA GLU A 44 19.59 1.08 24.12
C GLU A 44 21.07 0.77 23.90
N GLN A 45 21.52 0.89 22.65
CA GLN A 45 22.91 0.62 22.29
C GLN A 45 23.76 1.89 22.31
N LEU A 46 23.15 3.04 22.53
CA LEU A 46 23.85 4.32 22.39
C LEU A 46 24.31 4.92 23.73
N PRO A 47 25.59 5.32 23.81
CA PRO A 47 26.17 6.02 24.96
C PRO A 47 25.35 7.24 25.32
N ARG A 48 25.10 7.43 26.61
CA ARG A 48 24.24 8.50 27.09
C ARG A 48 24.34 9.79 26.29
N LYS A 49 25.57 10.29 26.09
CA LYS A 49 25.77 11.61 25.50
C LYS A 49 25.49 11.64 24.00
N LEU A 50 25.31 10.46 23.42
CA LEU A 50 24.96 10.30 22.01
C LEU A 50 23.44 10.16 21.86
N ARG A 51 22.84 9.52 22.85
CA ARG A 51 21.39 9.37 22.89
C ARG A 51 20.72 10.69 23.29
N HIS A 52 21.33 11.39 24.24
CA HIS A 52 20.74 12.61 24.77
C HIS A 52 21.76 13.73 24.64
N VAL A 53 21.53 14.59 23.64
CA VAL A 53 22.35 15.76 23.39
C VAL A 53 21.73 16.98 24.04
N GLU A 54 22.51 17.67 24.86
CA GLU A 54 21.98 18.74 25.66
C GLU A 54 21.47 19.86 24.77
N GLY A 55 20.24 20.28 25.03
CA GLY A 55 19.59 21.31 24.24
C GLY A 55 18.54 20.75 23.30
N TYR A 56 18.61 19.44 23.04
CA TYR A 56 17.70 18.81 22.09
C TYR A 56 16.85 17.71 22.72
N ARG A 57 15.62 17.57 22.23
CA ARG A 57 14.83 16.37 22.43
C ARG A 57 15.20 15.38 21.32
N SER A 58 15.38 14.10 21.66
CA SER A 58 15.77 13.11 20.66
C SER A 58 14.74 11.99 20.58
N PHE A 59 14.45 11.56 19.36
CA PHE A 59 13.50 10.47 19.08
C PHE A 59 14.16 9.46 18.16
N PHE A 60 14.09 8.19 18.53
CA PHE A 60 14.69 7.11 17.75
C PHE A 60 13.66 6.07 17.29
N THR A 61 13.83 5.57 16.06
CA THR A 61 13.03 4.48 15.53
C THR A 61 13.91 3.51 14.76
N PRO A 62 14.42 2.49 15.46
CA PRO A 62 15.28 1.42 14.94
C PRO A 62 14.50 0.40 14.12
N ALA A 63 15.19 -0.31 13.23
CA ALA A 63 14.59 -1.43 12.53
C ALA A 63 14.28 -2.54 13.54
N GLU A 64 13.43 -3.47 13.14
CA GLU A 64 13.24 -4.68 13.92
C GLU A 64 14.57 -5.38 14.05
N ARG A 65 15.19 -5.60 12.89
CA ARG A 65 16.46 -6.33 12.76
C ARG A 65 17.66 -5.54 13.27
N LYS A 66 18.62 -6.25 13.87
CA LYS A 66 19.77 -5.63 14.51
C LYS A 66 20.74 -4.94 13.55
N GLY A 67 21.22 -3.77 13.95
CA GLY A 67 22.26 -3.06 13.23
C GLY A 67 21.86 -2.67 11.83
N TYR A 68 20.56 -2.63 11.57
CA TYR A 68 20.01 -2.40 10.25
C TYR A 68 19.21 -1.10 10.21
N SER A 69 19.35 -0.33 9.14
CA SER A 69 18.43 0.77 8.89
C SER A 69 18.30 1.69 10.13
N GLY A 70 17.12 2.29 10.29
CA GLY A 70 16.84 3.12 11.46
C GLY A 70 17.01 4.60 11.21
N VAL A 71 16.14 5.41 11.83
CA VAL A 71 16.22 6.86 11.68
C VAL A 71 16.16 7.55 13.04
N ALA A 72 16.63 8.79 13.11
CA ALA A 72 16.63 9.54 14.35
C ALA A 72 16.41 11.01 14.08
N MET A 73 15.85 11.68 15.07
CA MET A 73 15.63 13.11 14.98
C MET A 73 15.98 13.74 16.33
N TYR A 74 16.75 14.83 16.28
CA TYR A 74 17.04 15.68 17.43
C TYR A 74 16.46 17.05 17.13
N THR A 75 15.77 17.63 18.09
CA THR A 75 15.10 18.88 17.82
C THR A 75 14.96 19.73 19.09
N LYS A 76 15.41 20.99 19.01
CA LYS A 76 15.35 21.90 20.15
C LYS A 76 13.92 22.03 20.65
N VAL A 77 12.98 22.24 19.73
CA VAL A 77 11.56 22.28 20.05
C VAL A 77 10.89 20.96 19.66
N PRO A 78 10.40 20.21 20.65
CA PRO A 78 9.78 18.90 20.40
C PRO A 78 8.54 19.02 19.51
N PRO A 79 8.21 17.96 18.74
CA PRO A 79 6.97 17.87 17.98
C PRO A 79 5.83 17.50 18.91
N SER A 80 4.60 17.85 18.54
CA SER A 80 3.45 17.43 19.32
C SER A 80 3.04 16.00 19.00
N SER A 81 3.74 15.41 18.04
CA SER A 81 3.53 14.02 17.69
C SER A 81 4.64 13.50 16.75
N LEU A 82 5.10 12.28 17.00
CA LEU A 82 6.00 11.60 16.09
C LEU A 82 5.27 10.36 15.61
N ARG A 83 5.07 10.25 14.30
CA ARG A 83 4.41 9.09 13.72
C ARG A 83 5.46 8.28 12.98
N GLU A 84 5.60 7.01 13.34
CA GLU A 84 6.69 6.18 12.80
C GLU A 84 6.26 5.15 11.76
N GLY A 85 5.34 5.51 10.89
CA GLY A 85 4.91 4.57 9.87
C GLY A 85 3.82 5.15 9.02
N PHE A 86 3.53 4.46 7.91
CA PHE A 86 2.52 4.85 6.92
C PHE A 86 1.21 4.08 7.09
N GLY A 87 1.18 3.14 8.02
CA GLY A 87 0.05 2.24 8.15
C GLY A 87 0.19 1.03 7.23
N VAL A 88 1.41 0.58 7.02
CA VAL A 88 1.71 -0.58 6.18
C VAL A 88 2.84 -1.33 6.85
N GLU A 89 2.55 -2.47 7.49
CA GLU A 89 3.55 -3.10 8.36
C GLU A 89 4.90 -3.37 7.71
N ARG A 90 4.91 -3.82 6.46
CA ARG A 90 6.17 -4.19 5.83
C ARG A 90 7.13 -3.01 5.66
N PHE A 91 6.58 -1.80 5.58
CA PHE A 91 7.39 -0.57 5.54
C PHE A 91 7.67 0.02 6.95
N ASP A 92 6.81 -0.30 7.91
CA ASP A 92 6.81 0.38 9.19
C ASP A 92 7.69 -0.32 10.21
N THR A 93 8.25 -1.46 9.82
CA THR A 93 9.07 -2.23 10.75
C THR A 93 10.56 -2.13 10.43
N GLU A 94 10.89 -1.43 9.36
CA GLU A 94 12.28 -1.27 8.95
C GLU A 94 12.99 -0.02 9.49
N GLY A 95 12.37 0.66 10.45
CA GLY A 95 12.96 1.86 11.02
C GLY A 95 13.28 2.91 9.96
N ARG A 96 12.32 3.14 9.05
CA ARG A 96 12.56 4.02 7.92
C ARG A 96 11.77 5.31 7.98
N ILE A 97 10.87 5.43 8.94
CA ILE A 97 9.92 6.54 8.91
C ILE A 97 9.78 7.28 10.25
N GLN A 98 9.96 8.59 10.19
CA GLN A 98 9.63 9.46 11.30
C GLN A 98 8.84 10.62 10.70
N ILE A 99 7.67 10.91 11.26
CA ILE A 99 6.85 12.02 10.79
C ILE A 99 6.52 12.90 12.00
N ALA A 100 7.18 14.04 12.11
CA ALA A 100 7.04 14.91 13.28
C ALA A 100 6.16 16.09 12.98
N ASP A 101 5.21 16.36 13.87
CA ASP A 101 4.27 17.47 13.70
C ASP A 101 4.79 18.71 14.43
N PHE A 102 5.26 19.69 13.67
CA PHE A 102 5.84 20.90 14.26
C PHE A 102 5.00 22.14 14.04
N ASP A 103 3.67 22.03 14.12
CA ASP A 103 2.82 23.21 14.06
C ASP A 103 2.80 23.85 12.67
N ASP A 104 3.89 24.51 12.30
CA ASP A 104 4.05 25.11 10.97
C ASP A 104 3.96 24.10 9.83
N PHE A 105 4.70 23.00 9.99
CA PHE A 105 4.82 21.98 8.94
C PHE A 105 4.84 20.59 9.57
N LEU A 106 4.62 19.58 8.73
CA LEU A 106 4.95 18.20 9.11
C LEU A 106 6.32 17.93 8.53
N LEU A 107 7.20 17.34 9.33
CA LEU A 107 8.53 16.98 8.86
C LEU A 107 8.64 15.47 8.68
N TYR A 108 8.79 15.04 7.44
CA TYR A 108 9.04 13.64 7.10
C TYR A 108 10.54 13.39 7.08
N ASN A 109 11.01 12.54 7.99
CA ASN A 109 12.36 12.00 7.97
C ASN A 109 12.29 10.58 7.45
N ILE A 110 12.70 10.36 6.21
CA ILE A 110 12.53 9.05 5.55
C ILE A 110 13.86 8.45 5.05
N TYR A 111 14.13 7.22 5.45
CA TYR A 111 15.23 6.48 4.86
C TYR A 111 14.65 5.52 3.79
N PHE A 112 14.51 5.99 2.55
CA PHE A 112 13.90 5.15 1.50
C PHE A 112 14.79 3.92 1.21
N PRO A 113 14.17 2.77 0.87
CA PRO A 113 14.86 1.51 0.58
C PRO A 113 15.86 1.60 -0.56
N ASN A 114 17.02 0.95 -0.37
CA ASN A 114 17.95 0.76 -1.47
C ASN A 114 17.47 -0.45 -2.24
N GLY A 115 17.54 -0.39 -3.57
CA GLY A 115 17.05 -1.47 -4.41
C GLY A 115 18.10 -2.32 -5.12
N LYS A 116 19.38 -2.08 -4.87
CA LYS A 116 20.46 -2.78 -5.55
C LYS A 116 20.50 -4.28 -5.27
N MET A 117 20.17 -4.67 -4.05
CA MET A 117 20.39 -6.05 -3.61
C MET A 117 19.69 -7.06 -4.51
N SER A 118 18.40 -6.82 -4.78
CA SER A 118 17.59 -7.84 -5.38
C SER A 118 16.33 -7.31 -6.06
N GLU A 119 15.75 -8.12 -6.95
CA GLU A 119 14.49 -7.77 -7.60
C GLU A 119 13.40 -7.50 -6.56
N GLU A 120 13.43 -8.28 -5.47
CA GLU A 120 12.52 -8.05 -4.36
C GLU A 120 12.79 -6.70 -3.68
N ARG A 121 14.05 -6.36 -3.44
CA ARG A 121 14.35 -5.08 -2.78
C ARG A 121 14.02 -3.85 -3.65
N LEU A 122 14.10 -3.99 -4.97
CA LEU A 122 13.63 -2.92 -5.86
C LEU A 122 12.11 -2.82 -5.81
N LYS A 123 11.44 -3.96 -5.84
CA LYS A 123 9.99 -4.01 -5.76
C LYS A 123 9.48 -3.43 -4.44
N TYR A 124 10.19 -3.73 -3.36
CA TYR A 124 9.91 -3.15 -2.04
C TYR A 124 10.12 -1.63 -2.08
N LYS A 125 11.26 -1.22 -2.64
CA LYS A 125 11.55 0.19 -2.85
C LYS A 125 10.40 0.92 -3.59
N LEU A 126 10.00 0.39 -4.73
CA LEU A 126 9.03 1.07 -5.57
C LEU A 126 7.65 1.16 -4.95
N GLU A 127 7.29 0.15 -4.14
CA GLU A 127 6.02 0.13 -3.38
C GLU A 127 6.07 1.06 -2.16
N PHE A 128 7.25 1.20 -1.59
CA PHE A 128 7.43 2.12 -0.49
C PHE A 128 7.28 3.55 -1.01
N TYR A 129 7.88 3.84 -2.15
CA TYR A 129 7.69 5.11 -2.84
C TYR A 129 6.21 5.43 -3.02
N ASP A 130 5.42 4.43 -3.41
CA ASP A 130 3.98 4.63 -3.64
C ASP A 130 3.21 4.97 -2.36
N ALA A 131 3.55 4.32 -1.25
CA ALA A 131 2.87 4.53 0.01
C ALA A 131 3.19 5.92 0.58
N PHE A 132 4.45 6.31 0.48
CA PHE A 132 4.86 7.65 0.90
C PHE A 132 4.07 8.73 0.17
N LEU A 133 4.02 8.63 -1.16
CA LEU A 133 3.33 9.62 -1.98
C LEU A 133 1.89 9.75 -1.52
N GLU A 134 1.21 8.63 -1.32
CA GLU A 134 -0.17 8.65 -0.84
C GLU A 134 -0.27 9.27 0.54
N ASP A 135 0.67 8.91 1.42
CA ASP A 135 0.67 9.43 2.78
C ASP A 135 0.88 10.93 2.81
N VAL A 136 1.89 11.41 2.09
CA VAL A 136 2.19 12.83 2.10
C VAL A 136 1.10 13.63 1.36
N ASN A 137 0.58 13.07 0.26
CA ASN A 137 -0.53 13.70 -0.45
C ASN A 137 -1.79 13.81 0.39
N ARG A 138 -2.04 12.83 1.26
CA ARG A 138 -3.20 12.89 2.15
C ARG A 138 -3.04 13.98 3.20
N GLU A 139 -1.83 14.12 3.73
CA GLU A 139 -1.51 15.16 4.70
C GLU A 139 -1.43 16.55 4.07
N ARG A 140 -1.01 16.63 2.82
CA ARG A 140 -0.97 17.89 2.09
C ARG A 140 -2.37 18.31 1.56
N ASP A 141 -3.17 17.34 1.14
CA ASP A 141 -4.53 17.60 0.65
C ASP A 141 -5.45 18.07 1.78
N SER A 142 -4.98 17.92 3.02
CA SER A 142 -5.77 18.25 4.19
C SER A 142 -5.40 19.62 4.79
N GLY A 143 -4.51 20.36 4.12
CA GLY A 143 -4.18 21.71 4.51
C GLY A 143 -2.88 21.89 5.28
N ARG A 144 -2.01 20.88 5.23
CA ARG A 144 -0.73 20.96 5.91
C ARG A 144 0.41 21.27 4.94
N ASN A 145 1.36 22.06 5.41
CA ASN A 145 2.64 22.17 4.73
C ASN A 145 3.55 21.03 5.20
N VAL A 146 4.32 20.48 4.26
CA VAL A 146 5.16 19.34 4.54
C VAL A 146 6.60 19.59 4.08
N ILE A 147 7.55 19.06 4.85
CA ILE A 147 8.95 19.10 4.50
C ILE A 147 9.48 17.67 4.52
N ILE A 148 9.99 17.21 3.38
CA ILE A 148 10.53 15.85 3.28
C ILE A 148 12.03 15.88 3.06
N CYS A 149 12.78 15.25 3.97
CA CYS A 149 14.24 15.17 3.84
C CYS A 149 14.70 13.73 4.00
N GLY A 150 15.84 13.41 3.39
CA GLY A 150 16.42 12.10 3.58
C GLY A 150 17.00 11.49 2.32
N ASN A 151 17.37 10.23 2.47
CA ASN A 151 18.05 9.50 1.43
C ASN A 151 16.99 8.79 0.60
N PHE A 152 16.69 9.35 -0.57
CA PHE A 152 15.70 8.77 -1.50
C PHE A 152 16.28 7.58 -2.26
N ASN A 153 17.60 7.42 -2.18
CA ASN A 153 18.30 6.36 -2.91
C ASN A 153 18.06 6.39 -4.43
N THR A 154 17.88 7.58 -4.99
CA THR A 154 17.74 7.75 -6.44
C THR A 154 18.19 9.15 -6.83
N ALA A 155 19.07 9.22 -7.83
CA ALA A 155 19.47 10.50 -8.41
C ALA A 155 18.47 10.80 -9.53
N HIS A 156 17.92 12.00 -9.51
CA HIS A 156 16.81 12.30 -10.41
C HIS A 156 17.19 12.41 -11.88
N ARG A 157 18.20 13.22 -12.17
CA ARG A 157 18.59 13.50 -13.55
C ARG A 157 20.06 13.20 -13.79
N GLU A 158 20.46 13.11 -15.07
CA GLU A 158 21.84 12.81 -15.42
C GLU A 158 22.81 13.79 -14.76
N ILE A 159 22.35 14.99 -14.46
CA ILE A 159 23.21 15.99 -13.82
C ILE A 159 23.49 15.66 -12.34
N ASP A 160 22.67 14.77 -11.79
CA ASP A 160 22.71 14.42 -10.36
C ASP A 160 23.57 13.20 -10.10
N LEU A 161 24.47 12.89 -11.03
CA LEU A 161 25.50 11.89 -10.77
C LEU A 161 26.61 11.98 -11.81
N ALA A 162 27.83 11.69 -11.37
CA ALA A 162 29.00 11.83 -12.23
C ALA A 162 28.97 10.90 -13.45
N ARG A 163 28.49 9.68 -13.24
CA ARG A 163 28.53 8.68 -14.30
C ARG A 163 27.13 8.18 -14.69
N PRO A 164 26.32 9.07 -15.31
CA PRO A 164 24.91 8.83 -15.66
C PRO A 164 24.66 7.64 -16.58
N LYS A 165 25.61 7.35 -17.48
CA LYS A 165 25.37 6.39 -18.55
C LYS A 165 25.59 4.93 -18.16
N GLU A 166 26.64 4.68 -17.40
CA GLU A 166 26.94 3.32 -16.95
C GLU A 166 25.97 2.83 -15.89
N ASN A 167 25.23 3.77 -15.29
CA ASN A 167 24.33 3.46 -14.20
C ASN A 167 22.85 3.36 -14.58
N SER A 168 22.56 3.50 -15.87
CA SER A 168 21.17 3.51 -16.31
C SER A 168 20.48 2.16 -16.15
N ASN A 169 21.29 1.12 -15.94
CA ASN A 169 20.82 -0.25 -15.82
C ASN A 169 20.81 -0.74 -14.38
N VAL A 170 21.15 0.16 -13.45
CA VAL A 170 21.35 -0.25 -12.07
C VAL A 170 20.42 0.52 -11.14
N SER A 171 19.82 -0.18 -10.18
CA SER A 171 18.89 0.45 -9.25
C SER A 171 19.54 1.68 -8.62
N GLY A 172 18.84 2.81 -8.71
CA GLY A 172 19.39 4.08 -8.28
C GLY A 172 19.24 5.08 -9.41
N PHE A 173 19.31 4.58 -10.63
CA PHE A 173 19.12 5.44 -11.80
C PHE A 173 18.24 4.81 -12.85
N LEU A 174 17.49 3.78 -12.48
CA LEU A 174 16.59 3.14 -13.42
C LEU A 174 15.55 4.16 -13.89
N PRO A 175 15.18 4.11 -15.18
CA PRO A 175 14.06 4.91 -15.65
C PRO A 175 12.81 4.77 -14.76
N VAL A 176 12.52 3.59 -14.23
CA VAL A 176 11.34 3.45 -13.35
C VAL A 176 11.44 4.29 -12.09
N GLU A 177 12.67 4.45 -11.60
CA GLU A 177 12.95 5.16 -10.36
C GLU A 177 13.00 6.65 -10.60
N ARG A 178 13.61 7.05 -11.72
CA ARG A 178 13.67 8.45 -12.14
C ARG A 178 12.29 8.94 -12.53
N ALA A 179 11.51 8.07 -13.16
CA ALA A 179 10.12 8.38 -13.47
C ALA A 179 9.33 8.70 -12.21
N TRP A 180 9.55 7.94 -11.13
CA TRP A 180 8.78 8.18 -9.93
C TRP A 180 9.08 9.57 -9.32
N ILE A 181 10.34 9.97 -9.31
CA ILE A 181 10.66 11.32 -8.85
C ILE A 181 9.96 12.42 -9.68
N ASP A 182 9.88 12.25 -11.00
CA ASP A 182 9.09 13.16 -11.83
C ASP A 182 7.66 13.19 -11.34
N LYS A 183 7.10 12.01 -11.09
CA LYS A 183 5.75 11.83 -10.58
C LYS A 183 5.53 12.56 -9.26
N PHE A 184 6.49 12.44 -8.35
CA PHE A 184 6.45 13.11 -7.05
C PHE A 184 6.33 14.63 -7.24
N ILE A 185 7.21 15.17 -8.06
CA ILE A 185 7.25 16.60 -8.35
C ILE A 185 5.95 17.08 -9.01
N GLU A 186 5.37 16.27 -9.90
CA GLU A 186 4.09 16.61 -10.54
C GLU A 186 2.88 16.57 -9.61
N ASN A 187 3.05 15.97 -8.44
CA ASN A 187 1.97 16.02 -7.44
C ASN A 187 2.03 17.30 -6.62
N GLY A 188 3.00 18.16 -6.94
CA GLY A 188 3.11 19.45 -6.28
C GLY A 188 4.16 19.53 -5.19
N TYR A 189 5.34 18.97 -5.47
CA TYR A 189 6.46 18.97 -4.51
C TYR A 189 7.73 19.41 -5.20
N VAL A 190 8.55 20.17 -4.46
CA VAL A 190 9.69 20.89 -5.00
C VAL A 190 11.04 20.39 -4.47
N ASP A 191 11.97 20.07 -5.38
CA ASP A 191 13.34 19.71 -5.04
C ASP A 191 14.11 20.96 -4.66
N THR A 192 14.20 21.25 -3.37
CA THR A 192 14.70 22.54 -2.89
C THR A 192 16.15 22.86 -3.27
N PHE A 193 17.00 21.85 -3.44
CA PHE A 193 18.38 22.13 -3.85
C PHE A 193 18.46 22.79 -5.23
N ARG A 194 17.69 22.26 -6.17
CA ARG A 194 17.63 22.78 -7.53
C ARG A 194 16.74 24.02 -7.66
N MET A 195 16.31 24.58 -6.52
CA MET A 195 15.65 25.89 -6.49
C MET A 195 16.68 27.00 -6.63
N PHE A 196 17.92 26.74 -6.20
CA PHE A 196 18.97 27.75 -6.21
C PHE A 196 20.22 27.32 -6.99
N ASN A 197 20.34 26.04 -7.27
CA ASN A 197 21.58 25.52 -7.83
C ASN A 197 21.31 24.56 -9.00
N SER A 198 21.77 24.95 -10.19
CA SER A 198 21.54 24.14 -11.37
C SER A 198 22.81 23.49 -11.92
N ASP A 199 23.89 23.56 -11.13
CA ASP A 199 25.22 23.13 -11.57
C ASP A 199 25.53 21.64 -11.39
N PRO A 200 26.49 21.12 -12.17
CA PRO A 200 26.99 19.74 -12.06
C PRO A 200 27.96 19.63 -10.90
N GLY A 201 28.39 18.40 -10.60
CA GLY A 201 29.33 18.17 -9.52
C GLY A 201 28.78 18.35 -8.12
N GLN A 202 27.46 18.54 -8.00
CA GLN A 202 26.78 18.62 -6.70
C GLN A 202 26.27 17.25 -6.26
N TYR A 203 27.05 16.59 -5.42
CA TYR A 203 26.72 15.23 -4.98
C TYR A 203 26.61 15.16 -3.47
N THR A 204 26.11 14.02 -3.00
CA THR A 204 25.76 13.89 -1.61
C THR A 204 26.18 12.51 -1.10
N TRP A 205 26.66 11.67 -2.03
CA TRP A 205 27.13 10.35 -1.68
C TRP A 205 28.18 9.89 -2.69
N TRP A 206 29.20 9.19 -2.21
CA TRP A 206 30.24 8.61 -3.06
C TRP A 206 30.59 7.21 -2.57
N SER A 207 30.89 6.31 -3.50
CA SER A 207 31.32 4.96 -3.13
C SER A 207 32.59 5.01 -2.28
N TYR A 208 32.65 4.12 -1.30
CA TYR A 208 33.83 3.98 -0.45
C TYR A 208 34.97 3.34 -1.25
N ARG A 209 34.59 2.48 -2.20
CA ARG A 209 35.52 1.80 -3.08
C ARG A 209 35.99 2.72 -4.19
N THR A 210 37.29 2.72 -4.46
CA THR A 210 37.86 3.49 -5.57
C THR A 210 38.13 4.95 -5.20
N ARG A 211 38.22 5.25 -3.90
CA ARG A 211 38.51 6.61 -3.47
C ARG A 211 37.55 7.59 -4.13
N ALA A 212 36.31 7.14 -4.33
CA ALA A 212 35.37 7.85 -5.19
C ALA A 212 35.09 9.29 -4.80
N ARG A 213 35.31 9.65 -3.54
CA ARG A 213 34.89 10.95 -3.04
C ARG A 213 35.89 12.06 -3.33
N GLU A 214 37.18 11.73 -3.26
CA GLU A 214 38.24 12.71 -3.53
C GLU A 214 38.31 13.06 -5.00
N ARG A 215 37.83 12.13 -5.83
CA ARG A 215 37.70 12.34 -7.26
C ARG A 215 36.26 12.71 -7.64
N ASN A 216 35.52 13.22 -6.66
CA ASN A 216 34.12 13.63 -6.82
C ASN A 216 33.31 12.83 -7.83
N VAL A 217 33.46 11.50 -7.81
CA VAL A 217 32.57 10.62 -8.55
C VAL A 217 31.43 10.15 -7.64
N GLY A 218 30.34 10.94 -7.56
CA GLY A 218 29.22 10.61 -6.70
C GLY A 218 27.84 11.02 -7.20
N TRP A 219 26.81 10.73 -6.39
CA TRP A 219 25.43 11.07 -6.71
C TRP A 219 24.80 11.95 -5.63
N ARG A 220 23.77 12.68 -6.03
CA ARG A 220 22.92 13.41 -5.10
C ARG A 220 21.74 12.48 -4.81
N LEU A 221 21.81 11.77 -3.68
CA LEU A 221 20.77 10.80 -3.29
C LEU A 221 19.92 11.35 -2.15
N ASP A 222 20.40 12.43 -1.55
CA ASP A 222 19.75 13.04 -0.40
C ASP A 222 19.11 14.37 -0.79
N TYR A 223 17.87 14.56 -0.35
CA TYR A 223 17.08 15.69 -0.82
C TYR A 223 16.27 16.35 0.28
N PHE A 224 15.92 17.62 0.08
CA PHE A 224 14.89 18.28 0.86
C PHE A 224 13.76 18.69 -0.07
N PHE A 225 12.59 18.09 0.06
CA PHE A 225 11.41 18.48 -0.71
C PHE A 225 10.41 19.23 0.17
N VAL A 226 9.73 20.23 -0.39
CA VAL A 226 8.60 20.88 0.28
C VAL A 226 7.43 20.88 -0.70
N ASN A 227 6.21 20.97 -0.21
CA ASN A 227 5.06 21.12 -1.12
C ASN A 227 5.08 22.50 -1.80
N GLU A 228 4.59 22.57 -3.04
CA GLU A 228 4.76 23.80 -3.84
C GLU A 228 4.15 25.06 -3.20
N GLU A 229 3.18 24.87 -2.30
CA GLU A 229 2.56 25.97 -1.58
C GLU A 229 3.50 26.54 -0.52
N PHE A 230 4.57 25.82 -0.21
CA PHE A 230 5.44 26.17 0.90
C PHE A 230 6.79 26.74 0.46
N LYS A 231 7.13 26.61 -0.82
CA LYS A 231 8.45 26.96 -1.34
C LYS A 231 8.87 28.40 -1.09
N GLY A 232 7.89 29.30 -1.01
CA GLY A 232 8.16 30.71 -0.76
C GLY A 232 8.72 30.97 0.63
N LYS A 233 8.69 29.95 1.49
CA LYS A 233 9.25 30.02 2.83
C LYS A 233 10.66 29.45 2.88
N VAL A 234 11.18 28.93 1.78
CA VAL A 234 12.52 28.37 1.84
C VAL A 234 13.59 29.37 1.37
N LYS A 235 14.64 29.49 2.19
CA LYS A 235 15.65 30.52 2.02
C LYS A 235 16.93 29.96 1.43
N ARG A 236 17.32 28.76 1.85
CA ARG A 236 18.49 28.13 1.26
C ARG A 236 18.33 26.61 1.26
N SER A 237 19.05 25.94 0.36
CA SER A 237 19.17 24.49 0.36
C SER A 237 20.57 24.14 -0.17
N TRP A 238 21.39 23.49 0.66
CA TRP A 238 22.77 23.30 0.28
C TRP A 238 23.32 21.98 0.74
N ILE A 239 24.43 21.58 0.15
CA ILE A 239 25.08 20.33 0.52
C ILE A 239 26.32 20.61 1.35
N LEU A 240 26.43 19.92 2.49
CA LEU A 240 27.56 20.11 3.40
C LEU A 240 28.72 19.18 3.00
N SER A 241 29.24 19.38 1.78
CA SER A 241 30.17 18.46 1.13
C SER A 241 31.43 18.15 1.91
N ASP A 242 31.83 19.08 2.77
CA ASP A 242 33.10 18.96 3.49
C ASP A 242 33.03 18.11 4.76
N VAL A 243 31.81 17.77 5.19
CA VAL A 243 31.60 16.98 6.40
C VAL A 243 31.82 15.50 6.16
N MET A 244 32.79 14.94 6.88
CA MET A 244 33.21 13.53 6.72
C MET A 244 32.58 12.62 7.77
N GLY A 245 32.74 11.32 7.59
CA GLY A 245 32.20 10.35 8.52
C GLY A 245 31.41 9.20 7.89
N SER A 246 30.70 9.49 6.80
CA SER A 246 29.86 8.50 6.13
C SER A 246 30.16 8.47 4.64
N ASP A 247 29.54 7.55 3.92
CA ASP A 247 29.64 7.62 2.48
C ASP A 247 28.74 8.73 1.96
N HIS A 248 27.79 9.14 2.80
CA HIS A 248 26.94 10.30 2.52
C HIS A 248 27.49 11.52 3.23
N CYS A 249 27.19 12.70 2.69
CA CYS A 249 27.44 13.93 3.43
C CYS A 249 26.10 14.59 3.82
N PRO A 250 26.12 15.52 4.81
CA PRO A 250 24.86 16.16 5.19
C PRO A 250 24.30 17.09 4.14
N ILE A 251 23.00 17.34 4.18
CA ILE A 251 22.38 18.41 3.40
C ILE A 251 21.66 19.33 4.38
N GLY A 252 21.34 20.54 3.96
CA GLY A 252 20.73 21.50 4.86
C GLY A 252 19.59 22.28 4.24
N LEU A 253 18.69 22.75 5.11
CA LEU A 253 17.57 23.59 4.72
C LEU A 253 17.38 24.70 5.75
N GLU A 254 17.10 25.92 5.31
CA GLU A 254 16.56 26.91 6.24
C GLU A 254 15.28 27.52 5.68
N ILE A 255 14.28 27.69 6.53
CA ILE A 255 13.01 28.24 6.08
C ILE A 255 12.66 29.46 6.93
N GLU A 256 11.85 30.36 6.37
CA GLU A 256 11.33 31.53 7.05
C GLU A 256 12.29 32.06 8.13
N ALA B 2 -11.01 -34.81 -8.16
CA ALA B 2 -12.44 -34.73 -7.88
C ALA B 2 -12.95 -33.30 -7.95
N VAL B 3 -14.26 -33.16 -7.98
CA VAL B 3 -14.90 -31.86 -8.12
C VAL B 3 -14.98 -31.13 -6.78
N LEU B 4 -14.73 -29.82 -6.81
CA LEU B 4 -14.95 -28.98 -5.63
C LEU B 4 -15.89 -27.84 -6.01
N LYS B 5 -16.90 -27.58 -5.18
CA LYS B 5 -17.86 -26.53 -5.47
C LYS B 5 -17.69 -25.34 -4.51
N ILE B 6 -17.40 -24.17 -5.08
CA ILE B 6 -17.29 -22.94 -4.30
C ILE B 6 -18.36 -21.93 -4.69
N ILE B 7 -19.05 -21.39 -3.69
CA ILE B 7 -20.06 -20.38 -3.93
C ILE B 7 -19.71 -19.05 -3.28
N SER B 8 -20.01 -17.96 -3.96
CA SER B 8 -19.70 -16.64 -3.47
C SER B 8 -20.95 -15.74 -3.52
N TRP B 9 -21.36 -15.22 -2.37
CA TRP B 9 -22.56 -14.40 -2.29
C TRP B 9 -22.36 -13.13 -1.45
N ASN B 10 -22.64 -11.97 -2.03
CA ASN B 10 -22.69 -10.72 -1.27
C ASN B 10 -24.11 -10.57 -0.75
N VAL B 11 -24.27 -10.84 0.53
CA VAL B 11 -25.58 -11.10 1.09
C VAL B 11 -26.30 -9.83 1.55
N ASN B 12 -25.54 -8.78 1.79
CA ASN B 12 -26.11 -7.53 2.30
C ASN B 12 -27.00 -7.75 3.52
N GLY B 13 -26.38 -8.04 4.67
CA GLY B 13 -27.10 -8.42 5.87
C GLY B 13 -27.26 -9.94 6.00
N LEU B 14 -26.35 -10.57 6.74
CA LEU B 14 -26.42 -12.01 6.95
C LEU B 14 -27.61 -12.36 7.84
N ARG B 15 -27.87 -11.52 8.83
CA ARG B 15 -29.03 -11.70 9.68
C ARG B 15 -30.31 -11.61 8.86
N ALA B 16 -30.32 -10.71 7.88
CA ALA B 16 -31.49 -10.47 7.03
C ALA B 16 -31.80 -11.66 6.13
N VAL B 17 -30.76 -12.19 5.49
CA VAL B 17 -30.94 -13.27 4.55
C VAL B 17 -31.34 -14.54 5.30
N HIS B 18 -30.99 -14.57 6.58
CA HIS B 18 -31.37 -15.65 7.49
C HIS B 18 -32.88 -15.63 7.68
N ARG B 19 -33.43 -14.43 7.78
CA ARG B 19 -34.88 -14.21 7.84
C ARG B 19 -35.60 -14.36 6.50
N LYS B 20 -34.86 -14.74 5.45
CA LYS B 20 -35.44 -14.98 4.13
C LYS B 20 -35.06 -16.35 3.57
N GLY B 21 -34.66 -17.27 4.45
CA GLY B 21 -34.43 -18.66 4.08
C GLY B 21 -33.03 -19.00 3.59
N PHE B 22 -32.04 -18.23 4.01
CA PHE B 22 -30.66 -18.50 3.67
C PHE B 22 -30.24 -19.92 4.07
N LEU B 23 -30.65 -20.36 5.26
CA LEU B 23 -30.16 -21.63 5.82
C LEU B 23 -30.63 -22.83 5.02
N LYS B 24 -31.83 -22.70 4.47
CA LYS B 24 -32.44 -23.76 3.69
C LYS B 24 -31.80 -23.81 2.33
N TRP B 25 -31.57 -22.64 1.74
CA TRP B 25 -30.87 -22.53 0.45
C TRP B 25 -29.49 -23.16 0.51
N PHE B 26 -28.72 -22.81 1.54
CA PHE B 26 -27.38 -23.33 1.74
C PHE B 26 -27.50 -24.85 1.89
N MET B 27 -28.51 -25.26 2.64
CA MET B 27 -28.81 -26.67 2.88
C MET B 27 -28.94 -27.46 1.56
N GLU B 28 -29.47 -26.80 0.53
CA GLU B 28 -29.73 -27.45 -0.75
C GLU B 28 -28.54 -27.43 -1.71
N GLU B 29 -27.81 -26.31 -1.75
CA GLU B 29 -26.66 -26.22 -2.64
C GLU B 29 -25.50 -27.08 -2.11
N LYS B 30 -25.35 -27.13 -0.79
CA LYS B 30 -24.27 -27.88 -0.14
C LYS B 30 -22.91 -27.73 -0.84
N PRO B 31 -22.44 -26.48 -1.00
CA PRO B 31 -21.11 -26.31 -1.57
C PRO B 31 -20.05 -26.92 -0.66
N ASP B 32 -18.82 -27.01 -1.14
CA ASP B 32 -17.71 -27.38 -0.29
C ASP B 32 -17.21 -26.13 0.43
N ILE B 33 -17.31 -24.99 -0.24
CA ILE B 33 -16.98 -23.70 0.36
C ILE B 33 -18.04 -22.67 0.01
N LEU B 34 -18.52 -21.97 1.04
CA LEU B 34 -19.42 -20.83 0.86
C LEU B 34 -18.66 -19.60 1.32
N CYS B 35 -18.48 -18.63 0.42
CA CYS B 35 -17.87 -17.36 0.77
C CYS B 35 -18.94 -16.26 0.73
N LEU B 36 -19.10 -15.54 1.84
CA LEU B 36 -20.05 -14.44 1.91
C LEU B 36 -19.32 -13.10 1.94
N GLN B 37 -19.97 -12.05 1.45
CA GLN B 37 -19.46 -10.68 1.62
C GLN B 37 -20.57 -9.79 2.16
N GLU B 38 -20.19 -8.67 2.78
CA GLU B 38 -21.15 -7.72 3.34
C GLU B 38 -22.20 -8.42 4.19
N ILE B 39 -21.77 -8.99 5.31
CA ILE B 39 -22.66 -9.74 6.17
C ILE B 39 -23.22 -8.83 7.28
N LYS B 40 -22.70 -7.60 7.32
CA LYS B 40 -23.18 -6.58 8.24
C LYS B 40 -23.44 -7.08 9.68
N ALA B 41 -22.46 -7.78 10.25
CA ALA B 41 -22.63 -8.39 11.57
C ALA B 41 -21.31 -8.95 12.11
N ALA B 42 -21.16 -8.92 13.43
CA ALA B 42 -20.10 -9.65 14.11
C ALA B 42 -20.67 -11.01 14.49
N PRO B 43 -19.80 -12.02 14.72
CA PRO B 43 -20.27 -13.40 14.93
C PRO B 43 -21.32 -13.53 16.05
N GLU B 44 -21.13 -12.86 17.19
CA GLU B 44 -22.04 -13.00 18.34
C GLU B 44 -23.44 -12.44 18.11
N GLN B 45 -23.58 -11.60 17.08
CA GLN B 45 -24.89 -11.09 16.67
C GLN B 45 -25.65 -12.14 15.87
N LEU B 46 -25.00 -13.27 15.62
CA LEU B 46 -25.63 -14.36 14.87
C LEU B 46 -26.24 -15.39 15.79
N PRO B 47 -27.42 -15.91 15.42
CA PRO B 47 -27.96 -17.09 16.10
C PRO B 47 -26.93 -18.20 16.02
N ARG B 48 -27.03 -19.23 16.87
CA ARG B 48 -26.08 -20.31 16.81
C ARG B 48 -26.33 -21.18 15.58
N LYS B 49 -27.59 -21.25 15.14
CA LYS B 49 -27.96 -22.06 13.97
C LYS B 49 -27.47 -21.42 12.66
N LEU B 50 -27.16 -20.13 12.72
CA LEU B 50 -26.61 -19.39 11.58
C LEU B 50 -25.08 -19.42 11.67
N ARG B 51 -24.58 -19.13 12.87
CA ARG B 51 -23.15 -19.03 13.12
C ARG B 51 -22.44 -20.38 12.93
N HIS B 52 -23.11 -21.47 13.30
CA HIS B 52 -22.49 -22.80 13.27
C HIS B 52 -23.38 -23.78 12.53
N VAL B 53 -23.07 -24.01 11.25
CA VAL B 53 -23.91 -24.88 10.42
C VAL B 53 -23.28 -26.28 10.38
N GLU B 54 -24.08 -27.28 10.73
CA GLU B 54 -23.54 -28.63 10.85
C GLU B 54 -22.76 -29.02 9.61
N GLY B 55 -21.62 -29.66 9.82
CA GLY B 55 -20.81 -30.16 8.73
C GLY B 55 -19.97 -29.05 8.13
N TYR B 56 -20.01 -27.88 8.75
CA TYR B 56 -19.27 -26.73 8.24
C TYR B 56 -18.44 -26.08 9.32
N ARG B 57 -17.21 -25.72 8.97
CA ARG B 57 -16.42 -24.84 9.81
C ARG B 57 -16.65 -23.42 9.33
N SER B 58 -16.86 -22.48 10.25
CA SER B 58 -17.16 -21.13 9.83
C SER B 58 -16.15 -20.11 10.35
N PHE B 59 -15.83 -19.15 9.48
CA PHE B 59 -14.87 -18.11 9.82
C PHE B 59 -15.51 -16.77 9.53
N PHE B 60 -15.57 -15.91 10.54
CA PHE B 60 -16.21 -14.61 10.42
C PHE B 60 -15.19 -13.47 10.62
N THR B 61 -15.13 -12.58 9.63
CA THR B 61 -14.19 -11.47 9.64
C THR B 61 -14.94 -10.16 9.52
N PRO B 62 -15.40 -9.65 10.65
CA PRO B 62 -16.24 -8.45 10.74
C PRO B 62 -15.42 -7.16 10.63
N ALA B 63 -16.08 -6.09 10.24
CA ALA B 63 -15.46 -4.78 10.28
C ALA B 63 -15.41 -4.35 11.73
N GLU B 64 -14.59 -3.34 12.03
CA GLU B 64 -14.59 -2.78 13.37
C GLU B 64 -15.80 -1.90 13.55
N ARG B 65 -16.26 -1.29 12.47
CA ARG B 65 -17.53 -0.58 12.46
C ARG B 65 -18.70 -1.56 12.57
N LYS B 66 -19.44 -1.47 13.66
CA LYS B 66 -20.61 -2.33 13.89
C LYS B 66 -21.62 -2.26 12.74
N GLY B 67 -22.12 -3.43 12.33
CA GLY B 67 -23.16 -3.52 11.32
C GLY B 67 -22.77 -3.02 9.93
N TYR B 68 -21.48 -3.10 9.63
CA TYR B 68 -20.94 -2.57 8.39
C TYR B 68 -20.06 -3.62 7.71
N SER B 69 -20.20 -3.74 6.39
CA SER B 69 -19.31 -4.59 5.61
C SER B 69 -19.28 -5.98 6.19
N GLY B 70 -18.08 -6.54 6.37
CA GLY B 70 -17.87 -7.85 6.96
C GLY B 70 -17.90 -8.99 5.95
N VAL B 71 -17.00 -9.96 6.11
CA VAL B 71 -17.00 -11.16 5.27
C VAL B 71 -17.08 -12.43 6.12
N ALA B 72 -17.44 -13.54 5.48
CA ALA B 72 -17.61 -14.81 6.18
C ALA B 72 -17.26 -15.96 5.25
N MET B 73 -16.81 -17.08 5.83
CA MET B 73 -16.53 -18.27 5.04
C MET B 73 -17.00 -19.51 5.80
N TYR B 74 -17.76 -20.36 5.11
CA TYR B 74 -18.14 -21.67 5.64
C TYR B 74 -17.46 -22.74 4.81
N THR B 75 -16.87 -23.71 5.45
CA THR B 75 -16.19 -24.74 4.69
C THR B 75 -16.27 -26.12 5.34
N LYS B 76 -16.57 -27.15 4.54
CA LYS B 76 -16.65 -28.51 5.05
C LYS B 76 -15.28 -28.98 5.55
N VAL B 77 -14.26 -28.71 4.74
CA VAL B 77 -12.86 -28.97 5.11
C VAL B 77 -12.17 -27.67 5.56
N PRO B 78 -11.43 -27.74 6.67
CA PRO B 78 -10.82 -26.50 7.19
C PRO B 78 -9.59 -26.14 6.38
N PRO B 79 -9.33 -24.83 6.20
CA PRO B 79 -8.08 -24.41 5.54
C PRO B 79 -6.94 -24.68 6.51
N SER B 80 -5.70 -24.75 6.02
CA SER B 80 -4.56 -24.91 6.93
C SER B 80 -4.37 -23.64 7.75
N SER B 81 -4.63 -22.50 7.11
CA SER B 81 -4.52 -21.18 7.76
C SER B 81 -5.48 -20.21 7.13
N LEU B 82 -5.61 -19.03 7.74
CA LEU B 82 -6.52 -17.98 7.24
C LEU B 82 -5.93 -16.62 7.62
N ARG B 83 -5.71 -15.78 6.61
CA ARG B 83 -5.17 -14.45 6.82
C ARG B 83 -6.30 -13.47 6.62
N GLU B 84 -6.34 -12.41 7.44
CA GLU B 84 -7.46 -11.47 7.38
C GLU B 84 -7.08 -10.07 6.93
N GLY B 85 -5.96 -9.93 6.23
CA GLY B 85 -5.57 -8.63 5.74
C GLY B 85 -4.38 -8.70 4.80
N PHE B 86 -4.16 -7.62 4.05
CA PHE B 86 -2.99 -7.45 3.18
C PHE B 86 -1.74 -6.97 3.93
N GLY B 87 -1.88 -6.61 5.19
CA GLY B 87 -0.78 -5.99 5.91
C GLY B 87 -0.78 -4.48 5.78
N VAL B 88 -1.96 -3.91 5.48
CA VAL B 88 -2.14 -2.46 5.40
C VAL B 88 -3.27 -2.12 6.36
N GLU B 89 -2.97 -1.28 7.36
CA GLU B 89 -3.91 -1.05 8.45
C GLU B 89 -5.31 -0.72 7.97
N ARG B 90 -5.41 0.31 7.13
CA ARG B 90 -6.72 0.86 6.77
C ARG B 90 -7.60 -0.08 5.93
N PHE B 91 -6.98 -1.01 5.19
CA PHE B 91 -7.71 -1.99 4.40
C PHE B 91 -8.08 -3.27 5.17
N ASP B 92 -7.47 -3.48 6.33
CA ASP B 92 -7.63 -4.74 7.08
C ASP B 92 -8.66 -4.72 8.20
N THR B 93 -9.14 -3.52 8.55
CA THR B 93 -10.02 -3.39 9.70
C THR B 93 -11.47 -3.09 9.31
N GLU B 94 -11.77 -3.20 8.02
CA GLU B 94 -13.14 -3.02 7.53
C GLU B 94 -13.89 -4.33 7.24
N GLY B 95 -13.28 -5.46 7.63
CA GLY B 95 -13.87 -6.77 7.40
C GLY B 95 -14.08 -7.09 5.92
N ARG B 96 -13.04 -6.90 5.11
CA ARG B 96 -13.16 -7.10 3.66
C ARG B 96 -12.37 -8.29 3.12
N ILE B 97 -11.51 -8.88 3.94
CA ILE B 97 -10.41 -9.71 3.42
C ILE B 97 -10.29 -11.02 4.15
N GLN B 98 -10.39 -12.13 3.41
CA GLN B 98 -10.08 -13.44 3.94
C GLN B 98 -9.22 -14.17 2.93
N ILE B 99 -8.06 -14.67 3.36
CA ILE B 99 -7.15 -15.35 2.45
C ILE B 99 -6.88 -16.73 3.05
N ALA B 100 -7.57 -17.76 2.54
CA ALA B 100 -7.57 -19.10 3.14
C ALA B 100 -6.69 -20.05 2.36
N ASP B 101 -5.92 -20.86 3.06
CA ASP B 101 -4.98 -21.77 2.40
C ASP B 101 -5.49 -23.20 2.40
N PHE B 102 -5.95 -23.67 1.24
CA PHE B 102 -6.43 -25.04 1.12
C PHE B 102 -5.37 -25.95 0.50
N ASP B 103 -4.12 -25.51 0.58
CA ASP B 103 -2.97 -26.27 0.06
C ASP B 103 -2.91 -26.34 -1.46
N ASP B 104 -3.91 -26.95 -2.08
CA ASP B 104 -3.98 -26.98 -3.53
C ASP B 104 -4.32 -25.62 -4.16
N PHE B 105 -4.44 -24.60 -3.31
CA PHE B 105 -4.73 -23.23 -3.74
C PHE B 105 -4.97 -22.34 -2.52
N LEU B 106 -4.82 -21.03 -2.71
CA LEU B 106 -5.29 -20.04 -1.73
C LEU B 106 -6.62 -19.50 -2.23
N LEU B 107 -7.56 -19.27 -1.32
CA LEU B 107 -8.82 -18.64 -1.68
C LEU B 107 -8.93 -17.25 -1.05
N TYR B 108 -8.91 -16.24 -1.92
CA TYR B 108 -9.16 -14.86 -1.52
C TYR B 108 -10.65 -14.56 -1.61
N ASN B 109 -11.31 -14.39 -0.46
CA ASN B 109 -12.70 -14.01 -0.38
C ASN B 109 -12.76 -12.52 -0.05
N ILE B 110 -13.09 -11.70 -1.04
CA ILE B 110 -12.91 -10.25 -0.90
C ILE B 110 -14.21 -9.45 -1.10
N TYR B 111 -14.38 -8.45 -0.26
CA TYR B 111 -15.43 -7.46 -0.44
C TYR B 111 -14.73 -6.15 -0.84
N PHE B 112 -14.56 -5.93 -2.13
CA PHE B 112 -13.89 -4.71 -2.61
C PHE B 112 -14.74 -3.47 -2.34
N PRO B 113 -14.08 -2.33 -2.02
CA PRO B 113 -14.82 -1.17 -1.50
C PRO B 113 -15.68 -0.51 -2.56
N ASN B 114 -16.74 0.15 -2.11
CA ASN B 114 -17.57 0.94 -3.01
C ASN B 114 -17.12 2.38 -2.97
N GLY B 115 -16.79 2.94 -4.14
CA GLY B 115 -16.25 4.28 -4.21
C GLY B 115 -17.21 5.37 -4.67
N LYS B 116 -18.51 5.16 -4.51
CA LYS B 116 -19.50 6.18 -4.88
C LYS B 116 -19.65 7.30 -3.84
N MET B 117 -19.81 6.94 -2.58
CA MET B 117 -20.22 7.91 -1.57
C MET B 117 -19.34 9.17 -1.52
N SER B 118 -18.08 9.06 -1.93
CA SER B 118 -17.18 10.19 -1.93
C SER B 118 -15.97 9.92 -2.81
N GLU B 119 -15.25 10.98 -3.16
CA GLU B 119 -14.03 10.81 -3.93
C GLU B 119 -12.92 10.17 -3.09
N GLU B 120 -12.95 10.41 -1.78
CA GLU B 120 -11.98 9.81 -0.88
C GLU B 120 -12.22 8.31 -0.72
N ARG B 121 -13.45 7.87 -0.94
CA ARG B 121 -13.76 6.45 -0.94
C ARG B 121 -13.41 5.84 -2.29
N LEU B 122 -13.43 6.66 -3.34
CA LEU B 122 -13.00 6.21 -4.66
C LEU B 122 -11.49 5.95 -4.66
N LYS B 123 -10.74 6.81 -3.99
CA LYS B 123 -9.30 6.61 -3.90
C LYS B 123 -8.97 5.40 -3.02
N TYR B 124 -9.78 5.20 -1.97
CA TYR B 124 -9.69 4.03 -1.10
C TYR B 124 -9.84 2.72 -1.89
N LYS B 125 -10.94 2.60 -2.61
CA LYS B 125 -11.21 1.46 -3.48
C LYS B 125 -10.06 1.14 -4.45
N LEU B 126 -9.54 2.17 -5.11
CA LEU B 126 -8.44 2.00 -6.07
C LEU B 126 -7.14 1.60 -5.41
N GLU B 127 -6.88 2.15 -4.22
CA GLU B 127 -5.66 1.80 -3.49
C GLU B 127 -5.83 0.43 -2.85
N PHE B 128 -7.08 0.08 -2.53
CA PHE B 128 -7.45 -1.27 -2.11
C PHE B 128 -7.09 -2.28 -3.22
N TYR B 129 -7.50 -1.96 -4.45
CA TYR B 129 -7.12 -2.73 -5.63
C TYR B 129 -5.62 -2.94 -5.76
N ASP B 130 -4.86 -1.85 -5.62
CA ASP B 130 -3.41 -1.95 -5.73
C ASP B 130 -2.83 -2.84 -4.63
N ALA B 131 -3.28 -2.66 -3.40
CA ALA B 131 -2.84 -3.53 -2.32
C ALA B 131 -3.23 -4.97 -2.61
N PHE B 132 -4.43 -5.18 -3.12
CA PHE B 132 -4.89 -6.52 -3.47
C PHE B 132 -4.01 -7.18 -4.49
N LEU B 133 -3.76 -6.49 -5.61
CA LEU B 133 -2.99 -7.05 -6.71
C LEU B 133 -1.60 -7.43 -6.25
N GLU B 134 -0.94 -6.56 -5.49
CA GLU B 134 0.42 -6.81 -4.99
C GLU B 134 0.47 -8.06 -4.13
N ASP B 135 -0.62 -8.33 -3.40
CA ASP B 135 -0.63 -9.45 -2.48
C ASP B 135 -0.83 -10.72 -3.25
N VAL B 136 -1.76 -10.70 -4.19
CA VAL B 136 -2.06 -11.91 -4.92
C VAL B 136 -0.87 -12.28 -5.81
N ASN B 137 -0.17 -11.28 -6.32
CA ASN B 137 1.02 -11.52 -7.13
C ASN B 137 2.15 -12.14 -6.32
N ARG B 138 2.44 -11.56 -5.15
CA ARG B 138 3.43 -12.11 -4.25
C ARG B 138 3.18 -13.60 -4.02
N GLU B 139 1.98 -13.97 -3.61
CA GLU B 139 1.61 -15.37 -3.46
C GLU B 139 1.81 -16.18 -4.74
N ARG B 140 1.14 -15.78 -5.83
CA ARG B 140 1.28 -16.43 -7.15
C ARG B 140 2.75 -16.66 -7.53
N ASP B 141 3.53 -15.57 -7.55
CA ASP B 141 4.96 -15.63 -7.82
C ASP B 141 5.68 -16.69 -6.98
N SER B 142 5.23 -16.89 -5.74
CA SER B 142 5.85 -17.85 -4.83
C SER B 142 5.48 -19.29 -5.16
N GLY B 143 4.53 -19.49 -6.06
CA GLY B 143 4.16 -20.82 -6.51
C GLY B 143 2.73 -21.28 -6.20
N ARG B 144 1.97 -20.44 -5.49
CA ARG B 144 0.61 -20.81 -5.11
C ARG B 144 -0.38 -20.60 -6.24
N ASN B 145 -1.22 -21.61 -6.47
CA ASN B 145 -2.38 -21.40 -7.29
C ASN B 145 -3.36 -20.64 -6.43
N VAL B 146 -4.24 -19.88 -7.07
CA VAL B 146 -5.11 -18.96 -6.36
C VAL B 146 -6.47 -18.77 -7.03
N ILE B 147 -7.51 -18.73 -6.21
CA ILE B 147 -8.85 -18.41 -6.63
C ILE B 147 -9.22 -17.15 -5.88
N ILE B 148 -9.93 -16.25 -6.54
CA ILE B 148 -10.43 -15.01 -5.92
C ILE B 148 -11.92 -14.82 -6.22
N CYS B 149 -12.72 -14.60 -5.17
CA CYS B 149 -14.13 -14.30 -5.37
C CYS B 149 -14.57 -13.12 -4.50
N GLY B 150 -15.71 -12.54 -4.84
CA GLY B 150 -16.30 -11.50 -4.03
C GLY B 150 -16.89 -10.40 -4.89
N ASN B 151 -17.24 -9.30 -4.23
CA ASN B 151 -17.86 -8.15 -4.84
C ASN B 151 -16.75 -7.21 -5.31
N PHE B 152 -16.52 -7.17 -6.61
CA PHE B 152 -15.52 -6.26 -7.17
C PHE B 152 -16.04 -4.82 -7.26
N ASN B 153 -17.36 -4.64 -7.26
CA ASN B 153 -17.94 -3.31 -7.23
C ASN B 153 -17.67 -2.52 -8.50
N THR B 154 -17.20 -3.23 -9.53
CA THR B 154 -16.92 -2.63 -10.83
C THR B 154 -17.43 -3.55 -11.92
N ALA B 155 -18.07 -2.98 -12.94
CA ALA B 155 -18.39 -3.69 -14.18
C ALA B 155 -17.20 -3.54 -15.14
N HIS B 156 -16.76 -4.66 -15.72
CA HIS B 156 -15.53 -4.69 -16.48
C HIS B 156 -15.65 -4.05 -17.88
N ARG B 157 -16.44 -4.68 -18.73
CA ARG B 157 -16.69 -4.23 -20.09
C ARG B 157 -18.11 -3.66 -20.22
N GLU B 158 -18.49 -3.18 -21.40
CA GLU B 158 -19.84 -2.68 -21.60
C GLU B 158 -20.87 -3.80 -21.44
N ILE B 159 -20.52 -5.00 -21.88
CA ILE B 159 -21.44 -6.14 -21.83
C ILE B 159 -21.83 -6.54 -20.40
N ASP B 160 -21.13 -5.96 -19.42
CA ASP B 160 -21.25 -6.35 -18.02
C ASP B 160 -22.26 -5.51 -17.24
N LEU B 161 -22.84 -4.49 -17.88
CA LEU B 161 -23.93 -3.75 -17.25
C LEU B 161 -24.97 -3.34 -18.29
N ALA B 162 -26.18 -3.03 -17.83
CA ALA B 162 -27.29 -2.74 -18.72
C ALA B 162 -27.38 -1.26 -19.11
N ARG B 163 -26.78 -0.40 -18.30
CA ARG B 163 -26.72 1.02 -18.59
C ARG B 163 -25.29 1.55 -18.69
N PRO B 164 -24.50 1.05 -19.66
CA PRO B 164 -23.10 1.46 -19.80
C PRO B 164 -22.91 2.97 -20.00
N LYS B 165 -23.67 3.54 -20.92
CA LYS B 165 -23.51 4.94 -21.30
C LYS B 165 -23.92 5.91 -20.19
N GLU B 166 -25.02 5.60 -19.50
CA GLU B 166 -25.47 6.47 -18.43
C GLU B 166 -24.54 6.44 -17.21
N ASN B 167 -23.64 5.46 -17.18
CA ASN B 167 -22.75 5.28 -16.05
C ASN B 167 -21.26 5.47 -16.33
N SER B 168 -20.94 6.11 -17.44
CA SER B 168 -19.54 6.29 -17.80
C SER B 168 -18.79 7.14 -16.77
N ASN B 169 -19.54 7.90 -15.97
CA ASN B 169 -18.93 8.74 -14.95
C ASN B 169 -19.44 8.38 -13.56
N VAL B 170 -19.82 7.12 -13.41
CA VAL B 170 -20.31 6.61 -12.14
C VAL B 170 -19.33 5.57 -11.62
N SER B 171 -18.96 5.63 -10.34
CA SER B 171 -18.12 4.59 -9.76
C SER B 171 -18.79 3.23 -9.91
N GLY B 172 -18.03 2.24 -10.36
CA GLY B 172 -18.62 0.97 -10.74
C GLY B 172 -18.39 0.77 -12.22
N PHE B 173 -18.19 1.87 -12.93
CA PHE B 173 -17.92 1.79 -14.35
C PHE B 173 -17.09 2.96 -14.83
N LEU B 174 -16.21 3.46 -13.97
CA LEU B 174 -15.25 4.48 -14.37
C LEU B 174 -14.09 3.86 -15.12
N PRO B 175 -13.41 4.65 -15.97
CA PRO B 175 -12.24 4.22 -16.73
C PRO B 175 -11.09 3.65 -15.87
N VAL B 176 -10.67 4.37 -14.83
CA VAL B 176 -9.69 3.84 -13.87
C VAL B 176 -10.05 2.43 -13.46
N GLU B 177 -11.29 2.25 -13.02
CA GLU B 177 -11.78 0.97 -12.51
C GLU B 177 -11.72 -0.15 -13.55
N ARG B 178 -12.31 0.08 -14.71
CA ARG B 178 -12.29 -0.90 -15.80
C ARG B 178 -10.85 -1.18 -16.23
N ALA B 179 -10.02 -0.13 -16.23
CA ALA B 179 -8.60 -0.23 -16.58
C ALA B 179 -7.81 -1.02 -15.56
N TRP B 180 -8.14 -0.88 -14.29
CA TRP B 180 -7.53 -1.69 -13.26
C TRP B 180 -7.83 -3.16 -13.55
N ILE B 181 -9.09 -3.50 -13.80
CA ILE B 181 -9.44 -4.88 -14.13
C ILE B 181 -8.68 -5.38 -15.38
N ASP B 182 -8.47 -4.49 -16.36
CA ASP B 182 -7.63 -4.80 -17.54
C ASP B 182 -6.21 -5.21 -17.12
N LYS B 183 -5.61 -4.41 -16.24
CA LYS B 183 -4.26 -4.65 -15.76
C LYS B 183 -4.20 -5.97 -14.99
N PHE B 184 -5.09 -6.14 -14.02
CA PHE B 184 -5.23 -7.37 -13.23
C PHE B 184 -5.23 -8.64 -14.12
N ILE B 185 -6.13 -8.67 -15.08
CA ILE B 185 -6.21 -9.74 -16.06
C ILE B 185 -4.85 -9.93 -16.76
N GLU B 186 -4.25 -8.83 -17.21
CA GLU B 186 -2.97 -8.92 -17.90
C GLU B 186 -1.84 -9.36 -16.98
N ASN B 187 -2.08 -9.26 -15.68
CA ASN B 187 -1.15 -9.72 -14.66
C ASN B 187 -1.17 -11.24 -14.50
N GLY B 188 -2.00 -11.91 -15.29
CA GLY B 188 -1.93 -13.35 -15.41
C GLY B 188 -3.08 -14.04 -14.74
N TYR B 189 -4.24 -13.39 -14.76
CA TYR B 189 -5.45 -13.93 -14.18
C TYR B 189 -6.61 -13.95 -15.18
N VAL B 190 -7.58 -14.82 -14.93
CA VAL B 190 -8.71 -15.03 -15.83
C VAL B 190 -10.11 -14.88 -15.19
N ASP B 191 -10.97 -14.05 -15.78
CA ASP B 191 -12.36 -13.93 -15.37
C ASP B 191 -13.06 -15.20 -15.81
N THR B 192 -13.38 -16.08 -14.86
CA THR B 192 -13.86 -17.42 -15.19
C THR B 192 -15.22 -17.52 -15.90
N PHE B 193 -16.22 -16.77 -15.46
CA PHE B 193 -17.51 -16.78 -16.15
C PHE B 193 -17.30 -16.66 -17.66
N ARG B 194 -16.49 -15.67 -18.05
CA ARG B 194 -16.24 -15.37 -19.46
C ARG B 194 -15.56 -16.51 -20.26
N MET B 195 -15.06 -17.53 -19.55
CA MET B 195 -14.52 -18.72 -20.18
C MET B 195 -15.62 -19.62 -20.76
N PHE B 196 -16.83 -19.54 -20.18
CA PHE B 196 -17.92 -20.42 -20.57
C PHE B 196 -19.15 -19.67 -21.06
N ASN B 197 -19.21 -18.36 -20.81
CA ASN B 197 -20.38 -17.58 -21.18
C ASN B 197 -20.08 -16.18 -21.71
N SER B 198 -20.23 -16.03 -23.03
CA SER B 198 -19.97 -14.78 -23.70
C SER B 198 -21.22 -13.91 -23.90
N ASP B 199 -22.37 -14.36 -23.41
CA ASP B 199 -23.65 -13.65 -23.59
C ASP B 199 -23.74 -12.35 -22.78
N PRO B 200 -24.48 -11.36 -23.28
CA PRO B 200 -24.78 -10.14 -22.53
C PRO B 200 -25.96 -10.39 -21.61
N GLY B 201 -26.38 -9.35 -20.90
CA GLY B 201 -27.47 -9.46 -19.94
C GLY B 201 -27.20 -10.37 -18.74
N GLN B 202 -25.93 -10.71 -18.51
CA GLN B 202 -25.53 -11.58 -17.41
C GLN B 202 -25.05 -10.75 -16.22
N TYR B 203 -25.88 -10.64 -15.19
CA TYR B 203 -25.61 -9.72 -14.09
C TYR B 203 -25.65 -10.41 -12.72
N THR B 204 -25.04 -9.77 -11.73
CA THR B 204 -25.03 -10.31 -10.39
C THR B 204 -25.63 -9.31 -9.41
N TRP B 205 -25.84 -8.08 -9.83
CA TRP B 205 -26.43 -7.08 -8.95
C TRP B 205 -27.55 -6.37 -9.69
N TRP B 206 -28.66 -6.13 -8.99
CA TRP B 206 -29.76 -5.31 -9.50
C TRP B 206 -30.24 -4.36 -8.41
N SER B 207 -30.23 -3.07 -8.69
CA SER B 207 -30.81 -2.09 -7.78
C SER B 207 -32.16 -2.54 -7.22
N TYR B 208 -32.36 -2.32 -5.93
CA TYR B 208 -33.61 -2.70 -5.26
C TYR B 208 -34.86 -2.03 -5.86
N ARG B 209 -34.72 -0.76 -6.23
CA ARG B 209 -35.84 0.00 -6.81
C ARG B 209 -36.09 -0.28 -8.28
N THR B 210 -37.10 0.39 -8.83
CA THR B 210 -37.32 0.43 -10.26
C THR B 210 -37.58 -0.94 -10.88
N ARG B 211 -37.85 -1.94 -10.03
CA ARG B 211 -38.09 -3.30 -10.51
C ARG B 211 -36.95 -3.76 -11.42
N ALA B 212 -35.75 -3.25 -11.15
CA ALA B 212 -34.58 -3.50 -11.98
C ALA B 212 -34.29 -4.99 -12.17
N ARG B 213 -34.43 -5.77 -11.10
CA ARG B 213 -34.19 -7.20 -11.20
C ARG B 213 -35.27 -7.92 -11.99
N GLU B 214 -36.51 -7.46 -11.85
CA GLU B 214 -37.61 -7.96 -12.69
C GLU B 214 -37.28 -7.77 -14.16
N ARG B 215 -36.83 -6.56 -14.48
CA ARG B 215 -36.52 -6.16 -15.84
C ARG B 215 -35.10 -6.54 -16.26
N ASN B 216 -34.46 -7.38 -15.47
CA ASN B 216 -33.04 -7.72 -15.65
C ASN B 216 -32.15 -6.56 -16.05
N VAL B 217 -32.35 -5.41 -15.41
CA VAL B 217 -31.44 -4.28 -15.63
C VAL B 217 -30.42 -4.27 -14.50
N GLY B 218 -29.29 -4.94 -14.72
CA GLY B 218 -28.28 -5.13 -13.68
C GLY B 218 -26.86 -4.79 -14.03
N TRP B 219 -25.97 -5.20 -13.13
CA TRP B 219 -24.53 -5.02 -13.27
C TRP B 219 -23.86 -6.31 -12.93
N ARG B 220 -22.79 -6.64 -13.65
CA ARG B 220 -21.95 -7.73 -13.25
C ARG B 220 -20.86 -7.19 -12.33
N LEU B 221 -21.03 -7.36 -11.00
CA LEU B 221 -20.10 -6.84 -10.00
C LEU B 221 -19.31 -7.94 -9.29
N ASP B 222 -19.83 -9.16 -9.36
CA ASP B 222 -19.24 -10.28 -8.61
C ASP B 222 -18.55 -11.26 -9.54
N TYR B 223 -17.31 -11.62 -9.21
CA TYR B 223 -16.52 -12.48 -10.10
C TYR B 223 -15.87 -13.64 -9.38
N PHE B 224 -15.51 -14.68 -10.14
CA PHE B 224 -14.50 -15.66 -9.72
C PHE B 224 -13.32 -15.53 -10.67
N PHE B 225 -12.12 -15.24 -10.16
CA PHE B 225 -10.90 -15.24 -10.96
C PHE B 225 -9.99 -16.39 -10.51
N VAL B 226 -9.13 -16.88 -11.39
CA VAL B 226 -8.03 -17.79 -11.03
C VAL B 226 -6.77 -17.31 -11.75
N ASN B 227 -5.59 -17.72 -11.28
CA ASN B 227 -4.38 -17.46 -12.04
C ASN B 227 -4.45 -18.28 -13.33
N GLU B 228 -3.91 -17.73 -14.43
CA GLU B 228 -4.02 -18.36 -15.74
C GLU B 228 -3.48 -19.81 -15.71
N GLU B 229 -2.44 -20.05 -14.91
CA GLU B 229 -1.84 -21.39 -14.78
C GLU B 229 -2.78 -22.40 -14.13
N PHE B 230 -3.87 -21.93 -13.54
CA PHE B 230 -4.82 -22.82 -12.86
C PHE B 230 -6.11 -23.00 -13.68
N LYS B 231 -6.09 -22.45 -14.89
CA LYS B 231 -7.30 -22.32 -15.70
C LYS B 231 -7.89 -23.65 -16.21
N GLY B 232 -7.05 -24.68 -16.37
CA GLY B 232 -7.53 -25.95 -16.89
C GLY B 232 -8.46 -26.65 -15.91
N LYS B 233 -8.24 -26.41 -14.62
CA LYS B 233 -8.97 -27.08 -13.55
C LYS B 233 -10.37 -26.50 -13.38
N VAL B 234 -10.56 -25.25 -13.78
CA VAL B 234 -11.89 -24.67 -13.65
C VAL B 234 -12.82 -25.32 -14.69
N LYS B 235 -13.80 -26.05 -14.19
CA LYS B 235 -14.70 -26.80 -15.05
C LYS B 235 -16.02 -26.09 -15.29
N ARG B 236 -16.46 -25.30 -14.31
CA ARG B 236 -17.71 -24.55 -14.47
C ARG B 236 -17.67 -23.23 -13.69
N SER B 237 -18.26 -22.18 -14.27
CA SER B 237 -18.38 -20.91 -13.57
C SER B 237 -19.67 -20.25 -14.05
N TRP B 238 -20.59 -20.00 -13.13
CA TRP B 238 -21.97 -19.62 -13.48
C TRP B 238 -22.57 -18.70 -12.46
N ILE B 239 -23.75 -18.19 -12.76
CA ILE B 239 -24.46 -17.26 -11.91
C ILE B 239 -25.82 -17.83 -11.53
N LEU B 240 -26.11 -17.81 -10.23
CA LEU B 240 -27.38 -18.31 -9.71
C LEU B 240 -28.41 -17.18 -9.70
N SER B 241 -28.84 -16.79 -10.89
CA SER B 241 -29.60 -15.55 -11.10
C SER B 241 -30.93 -15.43 -10.36
N ASP B 242 -31.48 -16.54 -9.90
CA ASP B 242 -32.85 -16.55 -9.33
C ASP B 242 -32.95 -16.87 -7.83
N VAL B 243 -31.80 -16.96 -7.16
CA VAL B 243 -31.74 -17.11 -5.71
C VAL B 243 -31.92 -15.73 -5.08
N MET B 244 -33.06 -15.53 -4.42
CA MET B 244 -33.37 -14.22 -3.84
C MET B 244 -32.82 -14.08 -2.42
N GLY B 245 -33.00 -12.89 -1.84
CA GLY B 245 -32.58 -12.63 -0.47
C GLY B 245 -31.61 -11.48 -0.32
N SER B 246 -31.14 -10.94 -1.44
CA SER B 246 -30.11 -9.90 -1.48
C SER B 246 -30.23 -9.12 -2.81
N ASP B 247 -29.56 -7.99 -2.89
CA ASP B 247 -29.51 -7.25 -4.14
C ASP B 247 -28.43 -7.78 -5.08
N HIS B 248 -27.63 -8.72 -4.55
CA HIS B 248 -26.71 -9.53 -5.34
C HIS B 248 -27.22 -10.96 -5.30
N CYS B 249 -27.12 -11.64 -6.44
CA CYS B 249 -27.33 -13.07 -6.46
C CYS B 249 -25.97 -13.77 -6.27
N PRO B 250 -25.99 -15.06 -5.90
CA PRO B 250 -24.72 -15.77 -5.70
C PRO B 250 -24.05 -16.12 -7.03
N ILE B 251 -22.78 -16.50 -6.98
CA ILE B 251 -22.08 -16.98 -8.15
C ILE B 251 -21.30 -18.23 -7.77
N GLY B 252 -21.25 -19.20 -8.66
CA GLY B 252 -20.60 -20.46 -8.33
C GLY B 252 -19.43 -20.80 -9.23
N LEU B 253 -18.58 -21.66 -8.69
CA LEU B 253 -17.39 -22.14 -9.39
C LEU B 253 -17.23 -23.63 -9.09
N GLU B 254 -17.09 -24.46 -10.11
CA GLU B 254 -16.66 -25.83 -9.88
C GLU B 254 -15.27 -26.04 -10.44
N ILE B 255 -14.36 -26.56 -9.62
CA ILE B 255 -13.01 -26.92 -10.10
C ILE B 255 -12.77 -28.41 -9.92
N GLU B 256 -11.57 -28.86 -10.24
CA GLU B 256 -11.25 -30.28 -10.25
C GLU B 256 -9.77 -30.53 -10.05
C1 GOL G . 0.13 2.26 0.28
O1 GOL G . -0.31 0.98 -0.11
C2 GOL G . -0.50 2.74 1.59
O2 GOL G . -1.57 3.61 1.29
C3 GOL G . 0.46 3.54 2.47
O3 GOL G . 0.40 4.93 2.21
C1 GOL H . 20.78 24.41 21.96
O1 GOL H . 19.52 24.06 22.51
C2 GOL H . 21.90 23.58 22.58
O2 GOL H . 22.41 24.25 23.71
C3 GOL H . 23.01 23.25 21.58
O3 GOL H . 23.20 24.23 20.57
C1 GOL I . 8.49 24.49 16.47
O1 GOL I . 7.30 23.71 16.46
C2 GOL I . 9.22 24.42 15.13
O2 GOL I . 9.03 25.64 14.42
C3 GOL I . 10.72 24.15 15.33
O3 GOL I . 11.05 22.78 15.54
C1 GOL J . 35.11 13.53 11.00
O1 GOL J . 35.60 12.43 10.27
C2 GOL J . 35.52 14.87 10.37
O2 GOL J . 36.64 14.74 9.50
C3 GOL J . 34.31 15.49 9.66
O3 GOL J . 34.69 16.42 8.68
C1 GOL K . 5.16 5.08 -10.48
O1 GOL K . 3.78 5.34 -10.45
C2 GOL K . 5.84 5.94 -11.56
O2 GOL K . 5.50 7.29 -11.39
C3 GOL K . 7.37 5.81 -11.55
O3 GOL K . 7.80 4.64 -12.22
C1 GOL L . -1.05 12.59 -11.46
O1 GOL L . -0.42 11.59 -10.68
C2 GOL L . -0.58 13.96 -11.01
O2 GOL L . -0.27 14.77 -12.12
C3 GOL L . -1.69 14.60 -10.18
O3 GOL L . -1.37 15.97 -9.98
C1 GOL M . 19.36 3.00 28.15
O1 GOL M . 18.39 1.97 28.05
C2 GOL M . 20.82 2.51 28.16
O2 GOL M . 20.99 1.27 27.52
C3 GOL M . 21.80 3.57 27.62
O3 GOL M . 21.37 4.17 26.41
C1 GOL N . 16.85 19.46 27.27
O1 GOL N . 18.14 18.88 27.18
C2 GOL N . 16.07 19.26 25.96
O2 GOL N . 14.79 18.77 26.22
C3 GOL N . 15.88 20.61 25.26
O3 GOL N . 14.96 20.54 24.18
C1 GOL O . 4.78 31.37 13.29
O1 GOL O . 5.93 31.94 13.86
C2 GOL O . 4.55 29.95 13.82
O2 GOL O . 3.18 29.79 14.10
C3 GOL O . 5.38 29.69 15.07
O3 GOL O . 6.72 29.39 14.74
C1 GOL P . 8.98 -7.00 -2.61
O1 GOL P . 10.28 -7.45 -2.33
C2 GOL P . 8.49 -6.24 -1.38
O2 GOL P . 8.04 -7.18 -0.41
C3 GOL P . 7.35 -5.30 -1.77
O3 GOL P . 6.57 -4.92 -0.66
C1 GOL Q . 11.97 22.64 -8.41
O1 GOL Q . 13.37 22.49 -8.18
C2 GOL Q . 11.30 21.34 -8.91
O2 GOL Q . 11.90 20.22 -8.32
C3 GOL Q . 9.80 21.28 -8.60
O3 GOL Q . 9.11 22.29 -9.28
NA NA R . 13.85 23.03 16.85
C1 GOL S . -13.49 6.94 4.89
O1 GOL S . -14.79 6.93 5.45
C2 GOL S . -12.60 5.94 5.61
O2 GOL S . -13.33 4.76 5.88
C3 GOL S . -11.36 5.62 4.76
O3 GOL S . -10.46 4.86 5.54
C1 GOL T . -8.73 6.61 16.27
O1 GOL T . -8.52 7.24 17.52
C2 GOL T . -9.20 5.17 16.47
O2 GOL T . -10.35 4.90 15.71
C3 GOL T . -8.09 4.20 16.05
O3 GOL T . -8.53 2.87 16.25
C1 GOL U . -2.75 -4.30 10.04
O1 GOL U . -2.94 -5.33 9.11
C2 GOL U . -1.26 -3.93 10.12
O2 GOL U . -0.55 -4.98 10.76
C3 GOL U . -0.67 -3.70 8.74
O3 GOL U . -0.57 -2.32 8.42
C1 GOL V . -25.21 -4.76 -23.69
O1 GOL V . -25.25 -6.07 -23.18
C2 GOL V . -24.14 -3.93 -22.99
O2 GOL V . -24.79 -3.09 -22.06
C3 GOL V . -23.38 -3.04 -23.98
O3 GOL V . -22.77 -3.80 -25.02
C1 GOL W . -21.88 0.82 -7.76
O1 GOL W . -22.69 -0.26 -7.36
C2 GOL W . -20.42 0.38 -7.89
O2 GOL W . -20.42 -1.01 -7.63
C3 GOL W . -19.54 1.10 -6.86
O3 GOL W . -18.16 1.12 -7.16
C1 GOL X . -10.68 -7.94 12.51
O1 GOL X . -11.78 -7.75 11.65
C2 GOL X . -9.85 -9.12 12.02
O2 GOL X . -10.46 -10.33 12.40
C3 GOL X . -8.43 -9.03 12.58
O3 GOL X . -8.48 -9.02 13.99
C1 GOL Y . -12.48 9.37 -16.91
O1 GOL Y . -11.76 10.33 -17.66
C2 GOL Y . -13.86 9.88 -16.53
O2 GOL Y . -14.06 9.73 -15.14
C3 GOL Y . -14.94 9.08 -17.28
O3 GOL Y . -16.22 9.55 -16.94
C1 GOL Z . -19.14 -15.27 -12.77
O1 GOL Z . -20.23 -15.49 -11.92
C2 GOL Z . -18.37 -14.01 -12.40
O2 GOL Z . -19.17 -12.89 -12.67
C3 GOL Z . -17.07 -13.90 -13.20
O3 GOL Z . -16.09 -14.84 -12.80
P PO4 AA . -1.45 -16.21 8.89
O1 PO4 AA . -0.69 -16.94 9.98
O2 PO4 AA . -2.89 -16.64 9.00
O3 PO4 AA . -1.37 -14.72 9.11
O4 PO4 AA . -0.90 -16.58 7.52
P PO4 BA . -8.29 -29.63 -7.08
O1 PO4 BA . -7.37 -28.88 -6.15
O2 PO4 BA . -8.04 -31.13 -6.96
O3 PO4 BA . -9.72 -29.33 -6.72
O4 PO4 BA . -8.02 -29.22 -8.50
#